data_8V1K
#
_entry.id   8V1K
#
_cell.length_a   83.809
_cell.length_b   84.550
_cell.length_c   102.469
_cell.angle_alpha   90.00
_cell.angle_beta   90.00
_cell.angle_gamma   90.00
#
_symmetry.space_group_name_H-M   'C 2 2 21'
#
loop_
_entity.id
_entity.type
_entity.pdbx_description
1 polymer 'Outer-membrane lipoprotein carrier protein'
2 non-polymer (4S)-2-METHYL-2,4-PENTANEDIOL
3 water water
#
_entity_poly.entity_id   1
_entity_poly.type   'polypeptide(L)'
_entity_poly.pdbx_seq_one_letter_code
;MAHHHHHHMGTLEAQTQGPGSFADATSELIDKIKNIHSMTANFNQKLIDGQTNNNLNSKGNMSLKKPQYFKWITTSPNNQ
EIVSNGTKLWIYDGDLDQLIIKKVSNDIAQFPYLILLSKNTNNINKLFTVTAQDNNSYILKPKNDQMIDSIKIKFTPNNQ
LEYLEISTSLNQFTKIEFNNVKTDVDISNTSFDFKAPQNTDIIDETKFA
;
_entity_poly.pdbx_strand_id   A,B
#
# COMPACT_ATOMS: atom_id res chain seq x y z
N ASP A 24 -14.62 -24.01 24.73
CA ASP A 24 -15.21 -22.97 25.55
C ASP A 24 -15.31 -21.65 24.81
N ALA A 25 -14.17 -20.96 24.68
CA ALA A 25 -14.15 -19.68 23.97
C ALA A 25 -14.56 -19.86 22.51
N THR A 26 -14.13 -20.94 21.87
CA THR A 26 -14.53 -21.16 20.48
C THR A 26 -16.05 -21.32 20.37
N SER A 27 -16.66 -22.04 21.30
CA SER A 27 -18.10 -22.24 21.26
C SER A 27 -18.84 -20.92 21.43
N GLU A 28 -18.40 -20.06 22.35
CA GLU A 28 -19.09 -18.78 22.50
C GLU A 28 -18.99 -17.96 21.21
N LEU A 29 -17.82 -17.98 20.57
CA LEU A 29 -17.65 -17.21 19.34
C LEU A 29 -18.56 -17.71 18.23
N ILE A 30 -18.64 -19.04 18.05
CA ILE A 30 -19.40 -19.59 16.94
C ILE A 30 -20.89 -19.41 17.17
N ASP A 31 -21.35 -19.46 18.42
CA ASP A 31 -22.74 -19.15 18.71
C ASP A 31 -23.11 -17.75 18.21
N LYS A 32 -22.18 -16.80 18.33
CA LYS A 32 -22.45 -15.46 17.82
C LYS A 32 -22.43 -15.44 16.29
N ILE A 33 -21.44 -16.12 15.69
CA ILE A 33 -21.33 -16.10 14.24
C ILE A 33 -22.50 -16.86 13.60
N LYS A 34 -22.84 -18.02 14.14
CA LYS A 34 -23.86 -18.83 13.49
C LYS A 34 -25.20 -18.11 13.46
N ASN A 35 -25.39 -17.12 14.32
CA ASN A 35 -26.64 -16.37 14.39
C ASN A 35 -26.67 -15.18 13.44
N ILE A 36 -25.60 -14.92 12.71
CA ILE A 36 -25.59 -13.89 11.65
C ILE A 36 -25.91 -14.61 10.36
N HIS A 37 -27.21 -14.71 10.04
CA HIS A 37 -27.60 -15.43 8.84
C HIS A 37 -27.35 -14.61 7.57
N SER A 38 -27.57 -13.31 7.64
CA SER A 38 -27.16 -12.43 6.55
C SER A 38 -26.90 -11.06 7.11
N MET A 39 -26.11 -10.28 6.39
CA MET A 39 -25.69 -8.99 6.90
C MET A 39 -25.22 -8.11 5.75
N THR A 40 -25.50 -6.81 5.86
CA THR A 40 -24.84 -5.79 5.07
C THR A 40 -24.28 -4.75 6.03
N ALA A 41 -23.18 -4.12 5.65
CA ALA A 41 -22.61 -3.09 6.51
C ALA A 41 -21.68 -2.21 5.68
N ASN A 42 -21.46 -1.00 6.17
CA ASN A 42 -20.33 -0.20 5.71
C ASN A 42 -19.09 -0.56 6.52
N PHE A 43 -17.92 -0.36 5.93
CA PHE A 43 -16.69 -0.53 6.69
C PHE A 43 -15.72 0.63 6.44
N ASN A 44 -14.90 0.88 7.46
CA ASN A 44 -13.72 1.75 7.39
C ASN A 44 -12.52 0.89 7.74
N GLN A 45 -11.45 0.98 6.94
CA GLN A 45 -10.27 0.17 7.14
C GLN A 45 -9.06 1.08 7.31
N LYS A 46 -8.25 0.80 8.33
CA LYS A 46 -6.95 1.45 8.49
C LYS A 46 -5.89 0.34 8.49
N LEU A 47 -4.91 0.49 7.63
CA LEU A 47 -3.84 -0.49 7.50
C LEU A 47 -2.56 0.21 7.94
N ILE A 48 -1.92 -0.34 8.96
CA ILE A 48 -0.68 0.21 9.51
C ILE A 48 0.43 -0.71 9.05
N ASP A 49 1.31 -0.20 8.18
CA ASP A 49 2.38 -0.98 7.57
C ASP A 49 3.69 -0.63 8.25
N GLY A 50 4.21 -1.56 9.05
CA GLY A 50 5.43 -1.31 9.80
C GLY A 50 6.69 -1.26 8.96
N GLN A 51 6.70 -1.90 7.79
CA GLN A 51 7.89 -1.90 6.95
C GLN A 51 8.04 -0.63 6.15
N THR A 52 6.94 0.08 5.92
CA THR A 52 6.93 1.39 5.28
C THR A 52 6.55 2.48 6.25
N ASN A 53 5.96 2.12 7.40
CA ASN A 53 5.43 3.08 8.36
C ASN A 53 4.36 3.96 7.74
N ASN A 54 3.64 3.39 6.78
CA ASN A 54 2.50 4.06 6.19
C ASN A 54 1.20 3.65 6.89
N ASN A 55 0.34 4.63 7.13
CA ASN A 55 -1.02 4.40 7.57
C ASN A 55 -1.93 4.62 6.36
N LEU A 56 -2.58 3.55 5.90
CA LEU A 56 -3.40 3.55 4.70
C LEU A 56 -4.87 3.40 5.03
N ASN A 57 -5.70 4.28 4.48
CA ASN A 57 -7.13 4.30 4.77
C ASN A 57 -7.94 3.90 3.55
N SER A 58 -9.04 3.19 3.79
CA SER A 58 -9.99 2.87 2.74
C SER A 58 -11.37 2.67 3.37
N LYS A 59 -12.38 2.63 2.52
CA LYS A 59 -13.73 2.41 3.01
C LYS A 59 -14.56 1.75 1.92
N GLY A 60 -15.70 1.21 2.32
CA GLY A 60 -16.55 0.49 1.39
C GLY A 60 -17.71 -0.14 2.11
N ASN A 61 -18.17 -1.27 1.56
CA ASN A 61 -19.35 -1.94 2.06
C ASN A 61 -19.17 -3.44 1.86
N MET A 62 -19.90 -4.21 2.66
CA MET A 62 -19.81 -5.65 2.62
C MET A 62 -21.21 -6.25 2.72
N SER A 63 -21.34 -7.46 2.20
CA SER A 63 -22.56 -8.24 2.25
C SER A 63 -22.17 -9.68 2.53
N LEU A 64 -22.98 -10.37 3.33
CA LEU A 64 -22.72 -11.74 3.76
C LEU A 64 -24.04 -12.48 3.84
N LYS A 65 -24.01 -13.75 3.45
CA LYS A 65 -25.20 -14.58 3.52
C LYS A 65 -24.77 -16.03 3.73
N LYS A 66 -25.27 -16.65 4.78
CA LYS A 66 -24.98 -18.06 5.00
C LYS A 66 -25.56 -18.89 3.86
N PRO A 67 -24.92 -20.00 3.52
CA PRO A 67 -23.70 -20.52 4.14
C PRO A 67 -22.40 -20.16 3.44
N GLN A 68 -22.45 -19.48 2.28
CA GLN A 68 -21.26 -19.39 1.45
C GLN A 68 -21.07 -18.10 0.66
N TYR A 69 -21.81 -17.03 0.95
CA TYR A 69 -21.83 -15.84 0.11
C TYR A 69 -21.16 -14.69 0.83
N PHE A 70 -20.25 -14.01 0.13
CA PHE A 70 -19.49 -12.90 0.69
C PHE A 70 -19.17 -11.92 -0.42
N LYS A 71 -19.25 -10.63 -0.09
CA LYS A 71 -18.97 -9.56 -1.04
C LYS A 71 -18.34 -8.41 -0.27
N TRP A 72 -17.19 -7.94 -0.74
CA TRP A 72 -16.41 -6.88 -0.11
C TRP A 72 -16.07 -5.86 -1.18
N ILE A 73 -16.66 -4.67 -1.10
CA ILE A 73 -16.48 -3.64 -2.11
C ILE A 73 -15.78 -2.46 -1.45
N THR A 74 -14.60 -2.11 -1.97
CA THR A 74 -13.90 -0.89 -1.59
C THR A 74 -14.33 0.21 -2.55
N THR A 75 -14.79 1.33 -2.00
CA THR A 75 -15.26 2.45 -2.81
C THR A 75 -14.34 3.67 -2.79
N SER A 76 -13.47 3.78 -1.80
CA SER A 76 -12.55 4.91 -1.70
C SER A 76 -11.31 4.41 -0.99
N PRO A 77 -10.11 4.86 -1.40
CA PRO A 77 -9.81 5.76 -2.53
C PRO A 77 -9.79 4.98 -3.85
N ASN A 78 -9.67 3.66 -3.75
CA ASN A 78 -9.63 2.75 -4.88
C ASN A 78 -11.00 2.10 -5.10
N ASN A 79 -11.15 1.48 -6.27
CA ASN A 79 -12.37 0.72 -6.60
C ASN A 79 -11.98 -0.74 -6.72
N GLN A 80 -12.45 -1.57 -5.79
CA GLN A 80 -12.12 -2.99 -5.79
C GLN A 80 -13.32 -3.79 -5.28
N GLU A 81 -13.39 -5.04 -5.69
CA GLU A 81 -14.45 -5.94 -5.24
C GLU A 81 -13.90 -7.35 -5.11
N ILE A 82 -14.17 -7.98 -3.98
CA ILE A 82 -13.93 -9.40 -3.76
C ILE A 82 -15.30 -10.04 -3.55
N VAL A 83 -15.62 -11.05 -4.36
CA VAL A 83 -16.94 -11.68 -4.29
C VAL A 83 -16.78 -13.19 -4.35
N SER A 84 -17.49 -13.90 -3.47
CA SER A 84 -17.43 -15.35 -3.40
C SER A 84 -18.85 -15.89 -3.29
N ASN A 85 -19.15 -16.95 -4.05
CA ASN A 85 -20.48 -17.56 -4.03
C ASN A 85 -20.41 -19.05 -3.67
N GLY A 86 -19.31 -19.49 -3.09
CA GLY A 86 -19.13 -20.89 -2.76
C GLY A 86 -18.51 -21.71 -3.86
N THR A 87 -18.52 -21.21 -5.09
CA THR A 87 -17.92 -21.91 -6.23
C THR A 87 -16.76 -21.12 -6.81
N LYS A 88 -17.00 -19.86 -7.14
CA LYS A 88 -15.99 -18.96 -7.70
C LYS A 88 -15.64 -17.87 -6.69
N LEU A 89 -14.37 -17.49 -6.68
CA LEU A 89 -13.87 -16.32 -5.96
C LEU A 89 -13.39 -15.33 -7.01
N TRP A 90 -14.08 -14.20 -7.10
CA TRP A 90 -13.72 -13.13 -8.02
C TRP A 90 -12.99 -12.02 -7.30
N ILE A 91 -11.83 -11.63 -7.82
CA ILE A 91 -11.01 -10.57 -7.25
C ILE A 91 -10.87 -9.49 -8.31
N TYR A 92 -11.63 -8.40 -8.17
CA TYR A 92 -11.74 -7.37 -9.19
C TYR A 92 -11.03 -6.11 -8.74
N ASP A 93 -10.10 -5.63 -9.57
CA ASP A 93 -9.43 -4.35 -9.36
C ASP A 93 -9.97 -3.38 -10.40
N GLY A 94 -10.81 -2.44 -9.95
CA GLY A 94 -11.40 -1.49 -10.87
C GLY A 94 -10.40 -0.51 -11.43
N ASP A 95 -9.36 -0.18 -10.68
CA ASP A 95 -8.38 0.79 -11.14
C ASP A 95 -7.47 0.19 -12.21
N LEU A 96 -7.22 -1.11 -12.15
CA LEU A 96 -6.51 -1.83 -13.21
C LEU A 96 -7.43 -2.43 -14.27
N ASP A 97 -8.75 -2.36 -14.08
CA ASP A 97 -9.69 -3.02 -14.97
C ASP A 97 -9.29 -4.49 -15.18
N GLN A 98 -9.05 -5.17 -14.06
CA GLN A 98 -8.54 -6.54 -14.09
C GLN A 98 -9.34 -7.41 -13.14
N LEU A 99 -9.59 -8.65 -13.59
CA LEU A 99 -10.33 -9.62 -12.80
C LEU A 99 -9.55 -10.92 -12.73
N ILE A 100 -9.30 -11.39 -11.51
CA ILE A 100 -8.75 -12.71 -11.25
C ILE A 100 -9.87 -13.59 -10.74
N ILE A 101 -10.02 -14.77 -11.32
CA ILE A 101 -11.03 -15.75 -10.92
C ILE A 101 -10.34 -17.00 -10.37
N LYS A 102 -10.76 -17.42 -9.18
CA LYS A 102 -10.22 -18.60 -8.51
C LYS A 102 -11.35 -19.49 -8.04
N LYS A 103 -11.01 -20.73 -7.70
CA LYS A 103 -11.95 -21.64 -7.04
C LYS A 103 -11.99 -21.36 -5.54
N VAL A 104 -13.14 -21.63 -4.93
CA VAL A 104 -13.38 -21.35 -3.51
C VAL A 104 -12.99 -22.57 -2.69
N SER A 105 -12.13 -22.35 -1.69
CA SER A 105 -11.86 -23.32 -0.64
C SER A 105 -12.25 -22.69 0.69
N ASN A 106 -12.66 -23.53 1.65
CA ASN A 106 -13.01 -23.05 2.99
C ASN A 106 -11.75 -22.81 3.81
N ASP A 107 -10.93 -21.88 3.31
CA ASP A 107 -9.57 -21.65 3.82
C ASP A 107 -9.63 -20.53 4.85
N ILE A 108 -10.11 -20.89 6.05
CA ILE A 108 -10.32 -19.89 7.10
C ILE A 108 -9.01 -19.35 7.63
N ALA A 109 -7.90 -20.07 7.44
CA ALA A 109 -6.61 -19.56 7.85
C ALA A 109 -6.17 -18.39 6.98
N GLN A 110 -6.55 -18.40 5.69
CA GLN A 110 -6.13 -17.36 4.76
C GLN A 110 -7.14 -16.23 4.62
N PHE A 111 -8.43 -16.50 4.82
CA PHE A 111 -9.50 -15.54 4.57
C PHE A 111 -10.32 -15.34 5.83
N PRO A 112 -10.09 -14.27 6.59
CA PRO A 112 -10.86 -14.11 7.84
C PRO A 112 -12.36 -14.13 7.63
N TYR A 113 -12.85 -13.58 6.50
CA TYR A 113 -14.29 -13.50 6.29
C TYR A 113 -14.93 -14.88 6.25
N LEU A 114 -14.17 -15.94 5.93
CA LEU A 114 -14.75 -17.27 5.96
C LEU A 114 -15.03 -17.71 7.40
N ILE A 115 -14.33 -17.14 8.38
CA ILE A 115 -14.67 -17.39 9.77
C ILE A 115 -16.09 -16.90 10.05
N LEU A 116 -16.47 -15.78 9.44
CA LEU A 116 -17.81 -15.20 9.64
C LEU A 116 -18.91 -16.02 8.99
N LEU A 117 -18.59 -16.97 8.12
CA LEU A 117 -19.58 -17.87 7.54
C LEU A 117 -19.66 -19.20 8.30
N SER A 118 -18.85 -19.37 9.34
CA SER A 118 -18.77 -20.65 10.03
C SER A 118 -20.06 -20.96 10.79
N LYS A 119 -20.33 -22.26 10.93
CA LYS A 119 -21.48 -22.74 11.68
C LYS A 119 -21.13 -23.72 12.80
N ASN A 120 -19.90 -24.22 12.87
CA ASN A 120 -19.48 -25.11 13.95
C ASN A 120 -18.00 -24.87 14.24
N THR A 121 -17.50 -25.53 15.29
CA THR A 121 -16.17 -25.25 15.80
C THR A 121 -15.10 -26.20 15.29
N ASN A 122 -15.46 -27.15 14.42
CA ASN A 122 -14.58 -28.28 14.10
C ASN A 122 -13.25 -27.81 13.50
N ASN A 123 -13.31 -27.10 12.37
CA ASN A 123 -12.07 -26.71 11.71
C ASN A 123 -11.37 -25.58 12.43
N ILE A 124 -12.13 -24.66 13.04
CA ILE A 124 -11.50 -23.55 13.74
C ILE A 124 -10.61 -24.06 14.87
N ASN A 125 -11.10 -25.03 15.63
CA ASN A 125 -10.32 -25.57 16.75
C ASN A 125 -9.09 -26.33 16.27
N LYS A 126 -9.13 -26.90 15.06
CA LYS A 126 -7.96 -27.62 14.56
C LYS A 126 -6.87 -26.67 14.07
N LEU A 127 -7.26 -25.48 13.63
CA LEU A 127 -6.34 -24.53 13.02
C LEU A 127 -6.00 -23.34 13.90
N PHE A 128 -6.79 -23.06 14.92
CA PHE A 128 -6.58 -21.89 15.76
C PHE A 128 -6.68 -22.27 17.23
N THR A 129 -5.97 -21.51 18.07
CA THR A 129 -6.28 -21.42 19.49
C THR A 129 -7.12 -20.17 19.67
N VAL A 130 -8.20 -20.27 20.44
CA VAL A 130 -9.16 -19.16 20.57
C VAL A 130 -9.28 -18.81 22.03
N THR A 131 -9.19 -17.51 22.34
CA THR A 131 -9.27 -17.00 23.70
C THR A 131 -10.34 -15.92 23.75
N ALA A 132 -11.16 -15.95 24.79
CA ALA A 132 -12.17 -14.92 25.01
C ALA A 132 -11.62 -13.82 25.91
N GLN A 133 -12.05 -12.59 25.63
CA GLN A 133 -11.70 -11.45 26.47
C GLN A 133 -12.92 -10.62 26.84
N ASP A 134 -12.68 -9.62 27.68
CA ASP A 134 -13.69 -8.70 28.12
C ASP A 134 -14.17 -7.84 26.94
N ASN A 135 -15.35 -7.25 27.11
CA ASN A 135 -15.98 -6.42 26.09
C ASN A 135 -16.29 -7.23 24.83
N ASN A 136 -16.55 -8.52 24.99
CA ASN A 136 -17.13 -9.33 23.92
C ASN A 136 -16.18 -9.50 22.74
N SER A 137 -14.90 -9.73 23.01
CA SER A 137 -13.93 -9.92 21.94
C SER A 137 -13.28 -11.29 22.05
N TYR A 138 -12.76 -11.76 20.92
CA TYR A 138 -12.12 -13.06 20.80
C TYR A 138 -10.85 -12.94 19.97
N ILE A 139 -9.81 -13.65 20.39
CA ILE A 139 -8.53 -13.67 19.70
C ILE A 139 -8.31 -15.07 19.16
N LEU A 140 -8.05 -15.16 17.86
CA LEU A 140 -7.73 -16.41 17.21
C LEU A 140 -6.27 -16.37 16.80
N LYS A 141 -5.50 -17.36 17.22
CA LYS A 141 -4.10 -17.44 16.83
C LYS A 141 -3.89 -18.75 16.08
N PRO A 142 -3.41 -18.70 14.84
CA PRO A 142 -3.19 -19.96 14.11
C PRO A 142 -2.18 -20.82 14.84
N LYS A 143 -2.41 -22.14 14.80
CA LYS A 143 -1.48 -23.08 15.40
C LYS A 143 -0.26 -23.26 14.51
N ASN A 144 -0.46 -23.18 13.20
CA ASN A 144 0.61 -23.32 12.22
C ASN A 144 0.32 -22.34 11.09
N ASP A 145 0.92 -21.17 11.14
CA ASP A 145 0.76 -20.23 10.04
C ASP A 145 1.83 -19.17 10.22
N GLN A 146 2.38 -18.69 9.11
CA GLN A 146 3.35 -17.62 9.16
C GLN A 146 2.71 -16.29 8.82
N MET A 147 1.77 -16.27 7.88
CA MET A 147 1.19 -15.02 7.42
C MET A 147 0.43 -14.33 8.54
N ILE A 148 -0.60 -14.98 9.07
CA ILE A 148 -1.41 -14.41 10.14
C ILE A 148 -0.77 -14.66 11.49
N ASP A 149 -0.61 -13.60 12.27
CA ASP A 149 -0.21 -13.70 13.67
C ASP A 149 -1.41 -13.79 14.61
N SER A 150 -2.45 -13.01 14.36
CA SER A 150 -3.64 -13.09 15.20
C SER A 150 -4.80 -12.44 14.46
N ILE A 151 -6.00 -12.89 14.82
CA ILE A 151 -7.24 -12.27 14.35
C ILE A 151 -8.05 -11.94 15.59
N LYS A 152 -8.47 -10.68 15.71
CA LYS A 152 -9.34 -10.28 16.79
C LYS A 152 -10.71 -9.95 16.21
N ILE A 153 -11.74 -10.54 16.80
CA ILE A 153 -13.12 -10.28 16.40
C ILE A 153 -13.83 -9.71 17.61
N LYS A 154 -14.39 -8.51 17.46
CA LYS A 154 -15.04 -7.78 18.53
C LYS A 154 -16.51 -7.61 18.17
N PHE A 155 -17.38 -7.88 19.13
CA PHE A 155 -18.81 -7.69 18.97
C PHE A 155 -19.29 -6.58 19.89
N THR A 156 -20.36 -5.91 19.49
CA THR A 156 -21.01 -4.95 20.36
C THR A 156 -21.68 -5.69 21.50
N PRO A 157 -22.06 -4.97 22.57
CA PRO A 157 -22.69 -5.64 23.72
C PRO A 157 -23.89 -6.46 23.32
N ASN A 158 -24.60 -6.06 22.27
CA ASN A 158 -25.75 -6.80 21.76
C ASN A 158 -25.37 -7.72 20.60
N ASN A 159 -24.11 -8.17 20.57
CA ASN A 159 -23.62 -9.27 19.74
C ASN A 159 -23.61 -8.96 18.25
N GLN A 160 -23.58 -7.69 17.88
CA GLN A 160 -23.39 -7.25 16.51
C GLN A 160 -21.89 -7.18 16.20
N LEU A 161 -21.52 -7.55 14.98
CA LEU A 161 -20.12 -7.42 14.58
C LEU A 161 -19.70 -5.96 14.69
N GLU A 162 -18.58 -5.71 15.38
CA GLU A 162 -18.10 -4.35 15.58
C GLU A 162 -16.80 -4.06 14.83
N TYR A 163 -15.78 -4.89 15.01
CA TYR A 163 -14.57 -4.69 14.23
C TYR A 163 -13.79 -6.00 14.15
N LEU A 164 -12.92 -6.04 13.15
CA LEU A 164 -11.94 -7.09 12.94
C LEU A 164 -10.56 -6.45 13.00
N GLU A 165 -9.63 -7.10 13.69
CA GLU A 165 -8.23 -6.72 13.65
C GLU A 165 -7.43 -7.92 13.19
N ILE A 166 -6.54 -7.70 12.23
CA ILE A 166 -5.74 -8.76 11.64
C ILE A 166 -4.29 -8.30 11.73
N SER A 167 -3.45 -9.11 12.38
CA SER A 167 -2.03 -8.84 12.49
C SER A 167 -1.27 -9.89 11.70
N THR A 168 -0.31 -9.45 10.88
CA THR A 168 0.39 -10.36 9.99
C THR A 168 1.90 -10.27 10.12
N SER A 169 2.56 -11.36 9.72
CA SER A 169 4.01 -11.44 9.71
C SER A 169 4.65 -10.50 8.69
N LEU A 170 3.86 -9.93 7.78
CA LEU A 170 4.37 -8.81 6.98
C LEU A 170 4.54 -7.56 7.82
N ASN A 171 4.26 -7.64 9.12
CA ASN A 171 4.34 -6.53 10.04
C ASN A 171 3.28 -5.48 9.70
N GLN A 172 2.12 -5.95 9.25
CA GLN A 172 0.99 -5.09 8.96
C GLN A 172 -0.08 -5.35 10.01
N PHE A 173 -0.79 -4.29 10.37
CA PHE A 173 -1.91 -4.36 11.30
C PHE A 173 -3.10 -3.73 10.61
N THR A 174 -4.18 -4.48 10.45
CA THR A 174 -5.36 -4.00 9.77
C THR A 174 -6.52 -3.97 10.75
N LYS A 175 -7.16 -2.81 10.89
CA LYS A 175 -8.36 -2.68 11.69
C LYS A 175 -9.52 -2.31 10.78
N ILE A 176 -10.58 -3.12 10.81
CA ILE A 176 -11.77 -2.91 10.00
C ILE A 176 -12.93 -2.70 10.96
N GLU A 177 -13.53 -1.51 10.91
CA GLU A 177 -14.68 -1.15 11.73
C GLU A 177 -15.94 -1.09 10.88
N PHE A 178 -17.02 -1.68 11.41
CA PHE A 178 -18.29 -1.76 10.71
C PHE A 178 -19.26 -0.74 11.28
N ASN A 179 -20.07 -0.14 10.39
CA ASN A 179 -21.15 0.75 10.78
C ASN A 179 -22.35 0.46 9.90
N ASN A 180 -23.50 1.03 10.26
CA ASN A 180 -24.72 0.84 9.49
C ASN A 180 -24.98 -0.65 9.25
N VAL A 181 -24.83 -1.44 10.31
CA VAL A 181 -24.97 -2.89 10.20
C VAL A 181 -26.46 -3.23 10.12
N LYS A 182 -26.82 -4.05 9.14
CA LYS A 182 -28.18 -4.53 8.97
C LYS A 182 -28.14 -6.04 8.84
N THR A 183 -28.99 -6.74 9.59
CA THR A 183 -28.97 -8.19 9.61
C THR A 183 -30.33 -8.73 9.16
N ASP A 184 -30.30 -9.97 8.68
CA ASP A 184 -31.49 -10.67 8.19
C ASP A 184 -32.19 -9.89 7.09
N VAL A 185 -31.42 -9.17 6.29
CA VAL A 185 -31.90 -8.73 4.99
C VAL A 185 -32.10 -9.96 4.12
N ASP A 186 -32.85 -9.80 3.03
CA ASP A 186 -33.13 -10.89 2.10
C ASP A 186 -32.40 -10.59 0.80
N ILE A 187 -31.14 -11.05 0.72
CA ILE A 187 -30.31 -10.81 -0.46
C ILE A 187 -30.46 -11.98 -1.42
N SER A 188 -30.75 -11.69 -2.68
CA SER A 188 -30.85 -12.77 -3.66
C SER A 188 -29.46 -13.36 -3.92
N ASN A 189 -29.43 -14.67 -4.19
CA ASN A 189 -28.15 -15.33 -4.41
C ASN A 189 -27.42 -14.76 -5.63
N THR A 190 -28.17 -14.26 -6.63
CA THR A 190 -27.52 -13.71 -7.81
C THR A 190 -26.68 -12.48 -7.48
N SER A 191 -26.93 -11.85 -6.33
CA SER A 191 -26.12 -10.72 -5.91
C SER A 191 -24.65 -11.10 -5.73
N PHE A 192 -24.36 -12.38 -5.57
CA PHE A 192 -22.99 -12.83 -5.34
C PHE A 192 -22.40 -13.55 -6.55
N ASP A 193 -22.99 -13.36 -7.73
CA ASP A 193 -22.43 -13.85 -8.99
C ASP A 193 -21.87 -12.63 -9.71
N PHE A 194 -20.55 -12.50 -9.74
CA PHE A 194 -19.94 -11.29 -10.28
C PHE A 194 -20.10 -11.24 -11.79
N LYS A 195 -20.44 -10.06 -12.31
CA LYS A 195 -20.53 -9.83 -13.74
C LYS A 195 -19.47 -8.82 -14.12
N ALA A 196 -18.51 -9.25 -14.94
CA ALA A 196 -17.39 -8.39 -15.25
C ALA A 196 -17.86 -7.18 -16.05
N PRO A 197 -17.26 -6.01 -15.82
CA PRO A 197 -17.50 -4.89 -16.74
C PRO A 197 -16.97 -5.22 -18.12
N GLN A 198 -17.45 -4.44 -19.07
CA GLN A 198 -17.02 -4.57 -20.45
C GLN A 198 -15.52 -4.35 -20.54
N ASN A 199 -14.85 -5.18 -21.33
CA ASN A 199 -13.44 -5.00 -21.65
C ASN A 199 -12.53 -5.18 -20.42
N THR A 200 -12.97 -5.98 -19.46
CA THR A 200 -12.11 -6.29 -18.31
C THR A 200 -11.01 -7.27 -18.72
N ASP A 201 -9.80 -7.07 -18.20
CA ASP A 201 -8.71 -8.01 -18.37
C ASP A 201 -8.91 -9.19 -17.43
N ILE A 202 -9.08 -10.39 -17.99
CA ILE A 202 -9.45 -11.57 -17.22
C ILE A 202 -8.25 -12.46 -17.02
N ILE A 203 -8.03 -12.89 -15.78
CA ILE A 203 -7.07 -13.96 -15.46
C ILE A 203 -7.90 -15.05 -14.81
N ASP A 204 -8.38 -16.01 -15.60
CA ASP A 204 -9.24 -17.07 -15.11
C ASP A 204 -8.38 -18.26 -14.68
N GLU A 205 -8.26 -18.46 -13.37
CA GLU A 205 -7.46 -19.51 -12.79
C GLU A 205 -8.29 -20.74 -12.44
N THR A 206 -9.55 -20.78 -12.88
CA THR A 206 -10.40 -21.95 -12.71
C THR A 206 -10.41 -22.84 -13.95
N LYS A 207 -9.85 -22.38 -15.07
CA LYS A 207 -9.82 -23.17 -16.29
C LYS A 207 -8.94 -24.40 -16.07
N PHE A 208 -9.40 -25.55 -16.56
CA PHE A 208 -8.64 -26.78 -16.42
C PHE A 208 -8.28 -27.33 -17.80
N ASP B 24 7.23 22.88 -23.57
CA ASP B 24 6.72 21.94 -24.56
C ASP B 24 6.87 20.50 -24.06
N ALA B 25 8.09 19.97 -24.13
CA ALA B 25 8.36 18.66 -23.56
C ALA B 25 8.14 18.68 -22.05
N THR B 26 8.48 19.80 -21.43
CA THR B 26 8.27 19.97 -20.00
C THR B 26 6.79 19.85 -19.64
N SER B 27 5.92 20.43 -20.45
CA SER B 27 4.49 20.34 -20.19
C SER B 27 4.01 18.90 -20.28
N GLU B 28 4.49 18.16 -21.28
CA GLU B 28 4.10 16.76 -21.44
C GLU B 28 4.50 15.95 -20.21
N LEU B 29 5.72 16.18 -19.72
CA LEU B 29 6.19 15.45 -18.55
C LEU B 29 5.38 15.79 -17.30
N ILE B 30 5.12 17.09 -17.08
CA ILE B 30 4.44 17.49 -15.86
C ILE B 30 2.98 17.06 -15.87
N ASP B 31 2.36 17.01 -17.06
CA ASP B 31 1.01 16.47 -17.15
C ASP B 31 0.93 15.05 -16.62
N LYS B 32 1.98 14.25 -16.86
CA LYS B 32 2.03 12.90 -16.32
C LYS B 32 2.30 12.90 -14.82
N ILE B 33 3.25 13.74 -14.37
CA ILE B 33 3.61 13.78 -12.96
C ILE B 33 2.48 14.35 -12.13
N LYS B 34 1.83 15.41 -12.60
CA LYS B 34 0.80 16.06 -11.79
C LYS B 34 -0.36 15.13 -11.49
N ASN B 35 -0.52 14.06 -12.28
CA ASN B 35 -1.62 13.11 -12.12
C ASN B 35 -1.30 11.96 -11.17
N ILE B 36 -0.08 11.90 -10.64
CA ILE B 36 0.28 10.91 -9.62
C ILE B 36 0.05 11.62 -8.29
N HIS B 37 -1.16 11.50 -7.76
CA HIS B 37 -1.52 12.21 -6.54
C HIS B 37 -0.93 11.58 -5.30
N SER B 38 -0.80 10.26 -5.30
CA SER B 38 -0.06 9.55 -4.26
C SER B 38 0.39 8.25 -4.87
N MET B 39 1.41 7.65 -4.25
CA MET B 39 2.01 6.45 -4.78
C MET B 39 2.76 5.74 -3.67
N THR B 40 2.72 4.42 -3.70
CA THR B 40 3.66 3.59 -2.97
C THR B 40 4.25 2.59 -3.95
N ALA B 41 5.50 2.19 -3.70
CA ALA B 41 6.13 1.20 -4.56
C ALA B 41 7.30 0.58 -3.82
N ASN B 42 7.68 -0.62 -4.23
CA ASN B 42 8.99 -1.14 -3.90
C ASN B 42 9.97 -0.66 -4.96
N PHE B 43 11.26 -0.58 -4.59
CA PHE B 43 12.27 -0.24 -5.58
C PHE B 43 13.48 -1.16 -5.47
N ASN B 44 14.17 -1.31 -6.60
CA ASN B 44 15.48 -1.93 -6.68
C ASN B 44 16.42 -0.91 -7.28
N GLN B 45 17.59 -0.71 -6.66
CA GLN B 45 18.53 0.30 -7.13
C GLN B 45 19.87 -0.35 -7.46
N LYS B 46 20.42 0.02 -8.60
CA LYS B 46 21.79 -0.35 -8.96
C LYS B 46 22.58 0.94 -9.16
N LEU B 47 23.68 1.07 -8.43
CA LEU B 47 24.54 2.23 -8.49
C LEU B 47 25.86 1.78 -9.10
N ILE B 48 26.24 2.37 -10.22
CA ILE B 48 27.49 2.06 -10.91
C ILE B 48 28.41 3.25 -10.69
N ASP B 49 29.48 3.04 -9.94
CA ASP B 49 30.40 4.11 -9.59
C ASP B 49 31.56 4.01 -10.58
N GLY B 50 31.59 4.93 -11.54
CA GLY B 50 32.58 4.86 -12.61
C GLY B 50 33.99 5.07 -12.14
N GLN B 51 34.18 5.73 -11.01
CA GLN B 51 35.53 5.98 -10.51
C GLN B 51 36.10 4.78 -9.75
N THR B 52 35.24 3.90 -9.24
CA THR B 52 35.69 2.70 -8.54
C THR B 52 35.38 1.39 -9.25
N ASN B 53 34.45 1.42 -10.19
CA ASN B 53 33.99 0.18 -10.87
C ASN B 53 33.23 -0.70 -9.87
N ASN B 54 32.73 -0.14 -8.78
CA ASN B 54 31.87 -0.90 -7.88
C ASN B 54 30.45 -0.75 -8.41
N ASN B 55 29.75 -1.87 -8.50
CA ASN B 55 28.32 -1.92 -8.77
C ASN B 55 27.66 -2.26 -7.44
N LEU B 56 26.87 -1.32 -6.92
CA LEU B 56 26.27 -1.45 -5.60
C LEU B 56 24.76 -1.62 -5.75
N ASN B 57 24.22 -2.63 -5.10
CA ASN B 57 22.80 -2.95 -5.17
C ASN B 57 22.12 -2.65 -3.85
N SER B 58 20.89 -2.16 -3.94
CA SER B 58 20.10 -1.91 -2.75
C SER B 58 18.63 -2.07 -3.13
N LYS B 59 17.78 -2.13 -2.11
CA LYS B 59 16.35 -2.19 -2.38
C LYS B 59 15.60 -1.62 -1.19
N GLY B 60 14.33 -1.33 -1.42
CA GLY B 60 13.51 -0.72 -0.41
C GLY B 60 12.15 -0.36 -0.95
N ASN B 61 11.58 0.71 -0.41
CA ASN B 61 10.22 1.12 -0.73
C ASN B 61 10.14 2.63 -0.65
N MET B 62 9.14 3.18 -1.33
CA MET B 62 8.94 4.61 -1.35
C MET B 62 7.46 4.93 -1.26
N SER B 63 7.20 6.14 -0.79
CA SER B 63 5.85 6.69 -0.71
C SER B 63 5.89 8.16 -1.07
N LEU B 64 4.83 8.61 -1.74
CA LEU B 64 4.72 9.98 -2.23
C LEU B 64 3.27 10.43 -2.10
N LYS B 65 3.10 11.70 -1.75
CA LYS B 65 1.77 12.29 -1.65
C LYS B 65 1.88 13.77 -1.98
N LYS B 66 1.13 14.21 -2.99
CA LYS B 66 1.10 15.63 -3.32
C LYS B 66 0.52 16.42 -2.14
N PRO B 67 0.97 17.66 -1.92
CA PRO B 67 1.95 18.38 -2.72
C PRO B 67 3.37 18.35 -2.20
N GLN B 68 3.60 17.73 -1.03
CA GLN B 68 4.87 17.96 -0.35
C GLN B 68 5.43 16.77 0.41
N TYR B 69 4.91 15.56 0.23
CA TYR B 69 5.27 14.44 1.08
C TYR B 69 6.06 13.40 0.29
N PHE B 70 7.19 12.97 0.85
CA PHE B 70 8.03 11.97 0.18
C PHE B 70 8.74 11.14 1.23
N LYS B 71 8.85 9.84 0.96
CA LYS B 71 9.51 8.90 1.87
C LYS B 71 10.24 7.84 1.06
N TRP B 72 11.52 7.66 1.36
CA TRP B 72 12.40 6.73 0.64
C TRP B 72 13.11 5.90 1.70
N ILE B 73 12.78 4.62 1.76
CA ILE B 73 13.32 3.74 2.79
C ILE B 73 14.12 2.65 2.12
N THR B 74 15.41 2.59 2.43
CA THR B 74 16.23 1.46 2.02
C THR B 74 16.21 0.41 3.12
N THR B 75 15.86 -0.82 2.75
CA THR B 75 15.76 -1.93 3.67
C THR B 75 16.88 -2.96 3.53
N SER B 76 17.57 -2.99 2.38
CA SER B 76 18.67 -3.92 2.16
C SER B 76 19.67 -3.32 1.19
N PRO B 77 20.98 -3.52 1.39
CA PRO B 77 21.64 -4.21 2.52
C PRO B 77 21.76 -3.27 3.71
N ASN B 78 21.66 -1.97 3.46
CA ASN B 78 21.77 -0.95 4.49
C ASN B 78 20.38 -0.51 4.94
N ASN B 79 20.33 0.20 6.06
CA ASN B 79 19.08 0.74 6.60
C ASN B 79 19.16 2.25 6.57
N GLN B 80 18.35 2.89 5.73
CA GLN B 80 18.35 4.33 5.60
C GLN B 80 16.93 4.81 5.30
N GLU B 81 16.64 6.05 5.68
CA GLU B 81 15.35 6.65 5.36
C GLU B 81 15.54 8.13 5.07
N ILE B 82 14.94 8.60 3.98
CA ILE B 82 14.82 10.02 3.67
C ILE B 82 13.33 10.33 3.72
N VAL B 83 12.95 11.29 4.55
CA VAL B 83 11.54 11.63 4.74
C VAL B 83 11.39 13.15 4.74
N SER B 84 10.42 13.63 3.98
CA SER B 84 10.17 15.06 3.82
C SER B 84 8.67 15.27 3.95
N ASN B 85 8.27 16.26 4.74
CA ASN B 85 6.85 16.55 4.96
C ASN B 85 6.52 17.99 4.59
N GLY B 86 7.38 18.65 3.82
CA GLY B 86 7.18 20.03 3.44
C GLY B 86 7.77 21.02 4.40
N THR B 87 8.07 20.60 5.63
CA THR B 87 8.67 21.47 6.62
C THR B 87 10.07 20.99 7.01
N LYS B 88 10.18 19.73 7.42
CA LYS B 88 11.45 19.12 7.79
C LYS B 88 11.83 18.07 6.76
N LEU B 89 13.14 17.97 6.55
CA LEU B 89 13.77 16.91 5.78
C LEU B 89 14.59 16.09 6.76
N TRP B 90 14.20 14.84 6.96
CA TRP B 90 14.93 13.93 7.83
C TRP B 90 15.77 12.96 7.00
N ILE B 91 17.06 12.88 7.30
CA ILE B 91 17.98 11.99 6.60
C ILE B 91 18.55 11.04 7.66
N TYR B 92 18.06 9.81 7.67
CA TYR B 92 18.39 8.83 8.69
C TYR B 92 19.30 7.75 8.12
N ASP B 93 20.45 7.55 8.76
CA ASP B 93 21.34 6.44 8.44
C ASP B 93 21.28 5.46 9.61
N GLY B 94 20.60 4.33 9.40
CA GLY B 94 20.44 3.37 10.48
C GLY B 94 21.72 2.68 10.88
N ASP B 95 22.64 2.50 9.93
CA ASP B 95 23.89 1.81 10.22
C ASP B 95 24.83 2.68 11.02
N LEU B 96 24.74 4.00 10.87
CA LEU B 96 25.45 4.91 11.76
C LEU B 96 24.63 5.37 12.96
N ASP B 97 23.34 5.02 13.02
CA ASP B 97 22.44 5.52 14.06
C ASP B 97 22.52 7.05 14.16
N GLN B 98 22.37 7.71 13.02
CA GLN B 98 22.54 9.16 12.92
C GLN B 98 21.38 9.75 12.14
N LEU B 99 20.91 10.91 12.61
CA LEU B 99 19.82 11.61 11.96
C LEU B 99 20.24 13.06 11.73
N ILE B 100 20.14 13.50 10.48
CA ILE B 100 20.29 14.90 10.12
C ILE B 100 18.90 15.45 9.81
N ILE B 101 18.57 16.59 10.40
CA ILE B 101 17.30 17.27 10.16
C ILE B 101 17.60 18.61 9.51
N LYS B 102 16.95 18.86 8.38
CA LYS B 102 17.12 20.09 7.62
C LYS B 102 15.75 20.68 7.35
N LYS B 103 15.74 21.97 7.01
CA LYS B 103 14.54 22.60 6.51
C LYS B 103 14.35 22.23 5.04
N VAL B 104 13.09 22.19 4.61
CA VAL B 104 12.75 21.77 3.26
C VAL B 104 12.72 22.98 2.35
N SER B 105 13.45 22.91 1.23
CA SER B 105 13.33 23.81 0.10
C SER B 105 12.93 23.01 -1.13
N ASN B 106 12.24 23.67 -2.06
CA ASN B 106 11.84 23.02 -3.31
C ASN B 106 13.02 23.01 -4.30
N ASP B 107 14.08 22.32 -3.91
CA ASP B 107 15.37 22.37 -4.60
C ASP B 107 15.44 21.24 -5.62
N ILE B 108 14.76 21.46 -6.75
CA ILE B 108 14.67 20.41 -7.75
C ILE B 108 15.98 20.14 -8.44
N ALA B 109 16.93 21.08 -8.40
CA ALA B 109 18.24 20.78 -8.97
C ALA B 109 19.00 19.76 -8.13
N GLN B 110 18.80 19.77 -6.81
CA GLN B 110 19.54 18.89 -5.91
C GLN B 110 18.80 17.58 -5.61
N PHE B 111 17.47 17.60 -5.62
CA PHE B 111 16.68 16.43 -5.20
C PHE B 111 15.72 15.97 -6.28
N PRO B 112 16.03 14.92 -7.02
CA PRO B 112 15.12 14.50 -8.11
C PRO B 112 13.70 14.21 -7.65
N TYR B 113 13.53 13.64 -6.45
CA TYR B 113 12.18 13.27 -6.02
C TYR B 113 11.26 14.49 -5.92
N LEU B 114 11.82 15.69 -5.78
CA LEU B 114 10.97 16.88 -5.76
C LEU B 114 10.36 17.14 -7.13
N ILE B 115 11.01 16.69 -8.20
CA ILE B 115 10.38 16.76 -9.51
C ILE B 115 9.11 15.93 -9.52
N LEU B 116 9.12 14.80 -8.81
CA LEU B 116 7.95 13.94 -8.76
C LEU B 116 6.79 14.55 -7.98
N LEU B 117 7.03 15.63 -7.23
CA LEU B 117 5.97 16.34 -6.52
C LEU B 117 5.43 17.53 -7.30
N SER B 118 5.95 17.77 -8.50
CA SER B 118 5.68 19.00 -9.24
C SER B 118 4.23 19.10 -9.68
N LYS B 119 3.75 20.35 -9.77
CA LYS B 119 2.43 20.63 -10.32
C LYS B 119 2.43 21.62 -11.47
N ASN B 120 3.53 22.31 -11.73
CA ASN B 120 3.60 23.22 -12.88
C ASN B 120 5.03 23.26 -13.42
N THR B 121 5.19 23.96 -14.53
CA THR B 121 6.45 23.95 -15.28
C THR B 121 7.36 25.13 -14.95
N ASN B 122 6.97 26.00 -14.02
CA ASN B 122 7.66 27.27 -13.85
C ASN B 122 9.13 27.07 -13.51
N ASN B 123 9.41 26.42 -12.39
CA ASN B 123 10.80 26.31 -11.94
C ASN B 123 11.57 25.28 -12.75
N ILE B 124 10.92 24.21 -13.21
CA ILE B 124 11.63 23.20 -13.98
C ILE B 124 12.18 23.79 -15.26
N ASN B 125 11.39 24.60 -15.96
CA ASN B 125 11.86 25.19 -17.22
C ASN B 125 13.02 26.16 -17.00
N LYS B 126 13.09 26.79 -15.83
CA LYS B 126 14.17 27.72 -15.57
C LYS B 126 15.48 27.02 -15.22
N LEU B 127 15.40 25.80 -14.69
CA LEU B 127 16.60 25.10 -14.24
C LEU B 127 17.02 23.95 -15.14
N PHE B 128 16.11 23.43 -15.97
CA PHE B 128 16.40 22.26 -16.79
C PHE B 128 15.95 22.45 -18.23
N THR B 129 16.62 21.74 -19.14
CA THR B 129 16.08 21.44 -20.47
C THR B 129 15.50 20.04 -20.45
N VAL B 130 14.33 19.86 -21.07
CA VAL B 130 13.61 18.59 -21.00
C VAL B 130 13.33 18.10 -22.42
N THR B 131 13.60 16.80 -22.65
CA THR B 131 13.44 16.16 -23.95
C THR B 131 12.59 14.91 -23.81
N ALA B 132 11.65 14.73 -24.74
CA ALA B 132 10.85 13.51 -24.77
C ALA B 132 11.60 12.47 -25.59
N GLN B 133 11.45 11.21 -25.19
CA GLN B 133 12.10 10.11 -25.88
C GLN B 133 11.06 9.06 -26.22
N ASP B 134 11.46 8.09 -27.02
CA ASP B 134 10.56 6.99 -27.34
C ASP B 134 10.35 6.11 -26.11
N ASN B 135 9.23 5.38 -26.12
CA ASN B 135 8.87 4.50 -25.03
C ASN B 135 8.59 5.27 -23.73
N ASN B 136 8.02 6.47 -23.86
CA ASN B 136 7.42 7.18 -22.73
C ASN B 136 8.47 7.61 -21.71
N SER B 137 9.62 8.10 -22.18
CA SER B 137 10.67 8.55 -21.28
C SER B 137 11.06 9.99 -21.57
N TYR B 138 11.63 10.64 -20.55
CA TYR B 138 12.01 12.03 -20.63
C TYR B 138 13.39 12.23 -19.99
N ILE B 139 14.20 13.06 -20.61
CA ILE B 139 15.55 13.36 -20.12
C ILE B 139 15.59 14.82 -19.70
N LEU B 140 16.03 15.05 -18.47
CA LEU B 140 16.21 16.40 -17.93
C LEU B 140 17.71 16.66 -17.76
N LYS B 141 18.18 17.76 -18.33
CA LYS B 141 19.57 18.18 -18.22
C LYS B 141 19.62 19.56 -17.55
N PRO B 142 20.35 19.72 -16.45
CA PRO B 142 20.42 21.05 -15.83
C PRO B 142 21.01 22.07 -16.79
N LYS B 143 20.52 23.30 -16.68
CA LYS B 143 21.03 24.38 -17.51
C LYS B 143 22.38 24.90 -17.03
N ASN B 144 22.67 24.81 -15.72
CA ASN B 144 23.94 25.31 -15.21
C ASN B 144 24.61 24.37 -14.22
N ASP B 145 23.81 23.70 -13.39
CA ASP B 145 24.33 22.80 -12.38
C ASP B 145 25.34 21.80 -12.93
N GLN B 146 26.28 21.40 -12.08
CA GLN B 146 27.25 20.35 -12.37
C GLN B 146 26.98 19.03 -11.65
N MET B 147 26.48 19.05 -10.42
CA MET B 147 26.43 17.81 -9.63
C MET B 147 25.60 16.73 -10.33
N ILE B 148 24.31 16.99 -10.52
CA ILE B 148 23.49 16.09 -11.32
C ILE B 148 23.77 16.43 -12.78
N ASP B 149 24.15 15.42 -13.57
CA ASP B 149 24.40 15.65 -14.99
C ASP B 149 23.16 15.40 -15.84
N SER B 150 22.35 14.41 -15.46
CA SER B 150 21.12 14.13 -16.19
C SER B 150 20.19 13.30 -15.34
N ILE B 151 18.90 13.45 -15.61
CA ILE B 151 17.85 12.66 -14.99
C ILE B 151 16.98 12.09 -16.11
N LYS B 152 16.79 10.78 -16.12
CA LYS B 152 15.87 10.12 -17.03
C LYS B 152 14.69 9.58 -16.24
N ILE B 153 13.47 9.91 -16.69
CA ILE B 153 12.23 9.43 -16.08
C ILE B 153 11.49 8.61 -17.13
N LYS B 154 11.13 7.38 -16.79
CA LYS B 154 10.45 6.46 -17.70
C LYS B 154 9.11 6.04 -17.12
N PHE B 155 8.06 6.05 -17.94
CA PHE B 155 6.73 5.63 -17.51
C PHE B 155 6.33 4.35 -18.22
N THR B 156 5.46 3.57 -17.58
CA THR B 156 4.87 2.39 -18.22
C THR B 156 3.85 2.85 -19.26
N PRO B 157 3.41 1.95 -20.16
CA PRO B 157 2.41 2.38 -21.15
C PRO B 157 1.18 3.01 -20.52
N ASN B 158 0.82 2.64 -19.30
CA ASN B 158 -0.31 3.21 -18.58
C ASN B 158 0.11 4.38 -17.69
N ASN B 159 1.33 4.90 -17.91
CA ASN B 159 1.78 6.16 -17.34
CA ASN B 159 1.80 6.16 -17.34
C ASN B 159 2.05 6.08 -15.83
N GLN B 160 2.36 4.89 -15.33
CA GLN B 160 2.85 4.76 -13.97
C GLN B 160 4.38 4.81 -14.04
N LEU B 161 4.98 5.39 -13.01
CA LEU B 161 6.44 5.46 -12.97
C LEU B 161 7.04 4.06 -13.05
N GLU B 162 8.01 3.90 -13.96
CA GLU B 162 8.68 2.62 -14.18
C GLU B 162 10.11 2.62 -13.68
N TYR B 163 10.92 3.60 -14.07
CA TYR B 163 12.25 3.68 -13.49
C TYR B 163 12.79 5.10 -13.62
N LEU B 164 13.87 5.34 -12.88
CA LEU B 164 14.58 6.61 -12.87
CA LEU B 164 14.58 6.62 -12.86
C LEU B 164 16.06 6.33 -13.03
N GLU B 165 16.72 7.14 -13.85
CA GLU B 165 18.17 7.05 -14.02
C GLU B 165 18.77 8.41 -13.69
N ILE B 166 19.79 8.41 -12.83
CA ILE B 166 20.42 9.64 -12.39
C ILE B 166 21.91 9.50 -12.63
N SER B 167 22.49 10.46 -13.36
CA SER B 167 23.91 10.55 -13.65
C SER B 167 24.49 11.78 -12.95
N THR B 168 25.69 11.63 -12.38
CA THR B 168 26.29 12.73 -11.63
C THR B 168 27.67 13.05 -12.19
N SER B 169 28.13 14.27 -11.92
CA SER B 169 29.47 14.69 -12.32
C SER B 169 30.55 13.95 -11.56
N LEU B 170 30.22 13.26 -10.47
CA LEU B 170 31.11 12.28 -9.85
C LEU B 170 31.25 11.01 -10.68
N ASN B 171 30.62 10.95 -11.86
CA ASN B 171 30.72 9.78 -12.75
C ASN B 171 29.98 8.58 -12.17
N GLN B 172 28.86 8.83 -11.52
CA GLN B 172 28.02 7.80 -10.93
C GLN B 172 26.74 7.69 -11.75
N PHE B 173 26.26 6.47 -11.91
CA PHE B 173 25.02 6.21 -12.64
C PHE B 173 24.15 5.35 -11.73
N THR B 174 22.94 5.84 -11.44
CA THR B 174 22.03 5.14 -10.57
C THR B 174 20.77 4.83 -11.37
N LYS B 175 20.38 3.56 -11.40
CA LYS B 175 19.12 3.16 -12.01
C LYS B 175 18.21 2.60 -10.92
N ILE B 176 17.02 3.17 -10.82
CA ILE B 176 16.03 2.78 -9.82
C ILE B 176 14.82 2.27 -10.57
N GLU B 177 14.47 1.00 -10.35
CA GLU B 177 13.29 0.43 -10.98
C GLU B 177 12.21 0.24 -9.93
N PHE B 178 10.97 0.58 -10.28
CA PHE B 178 9.83 0.48 -9.38
C PHE B 178 8.99 -0.73 -9.73
N ASN B 179 8.48 -1.41 -8.70
CA ASN B 179 7.56 -2.53 -8.87
C ASN B 179 6.50 -2.47 -7.77
N ASN B 180 5.50 -3.34 -7.90
CA ASN B 180 4.40 -3.40 -6.93
C ASN B 180 3.85 -2.00 -6.70
N VAL B 181 3.68 -1.25 -7.80
CA VAL B 181 3.27 0.14 -7.76
C VAL B 181 1.77 0.26 -7.48
N LYS B 182 1.41 1.15 -6.55
CA LYS B 182 0.03 1.46 -6.23
C LYS B 182 -0.16 2.96 -6.22
N THR B 183 -1.20 3.45 -6.90
CA THR B 183 -1.39 4.89 -7.05
C THR B 183 -2.71 5.33 -6.45
N ASP B 184 -2.70 6.59 -6.00
CA ASP B 184 -3.85 7.25 -5.38
C ASP B 184 -4.40 6.47 -4.19
N VAL B 185 -3.50 5.86 -3.43
CA VAL B 185 -3.82 5.40 -2.08
C VAL B 185 -4.06 6.60 -1.17
N ASP B 186 -4.66 6.33 -0.01
CA ASP B 186 -4.98 7.36 0.97
C ASP B 186 -4.02 7.21 2.14
N ILE B 187 -2.88 7.90 2.05
CA ILE B 187 -1.84 7.85 3.07
C ILE B 187 -2.05 9.00 4.06
N SER B 188 -2.05 8.69 5.35
CA SER B 188 -2.18 9.76 6.34
C SER B 188 -0.93 10.62 6.36
N ASN B 189 -1.13 11.92 6.59
CA ASN B 189 0.01 12.82 6.57
C ASN B 189 1.03 12.47 7.65
N THR B 190 0.58 11.86 8.74
CA THR B 190 1.48 11.46 9.82
C THR B 190 2.47 10.39 9.39
N SER B 191 2.18 9.66 8.30
CA SER B 191 3.14 8.70 7.78
C SER B 191 4.45 9.35 7.36
N PHE B 192 4.45 10.67 7.15
CA PHE B 192 5.62 11.41 6.69
C PHE B 192 6.24 12.27 7.78
N ASP B 193 5.94 11.98 9.04
CA ASP B 193 6.60 12.61 10.18
C ASP B 193 7.54 11.58 10.80
N PHE B 194 8.84 11.77 10.61
CA PHE B 194 9.80 10.75 11.05
C PHE B 194 9.95 10.73 12.57
N LYS B 195 9.98 9.53 13.14
CA LYS B 195 10.23 9.34 14.56
C LYS B 195 11.53 8.57 14.73
N ALA B 196 12.52 9.21 15.34
CA ALA B 196 13.82 8.57 15.48
C ALA B 196 13.81 7.53 16.61
N PRO B 197 14.60 6.47 16.48
CA PRO B 197 14.84 5.59 17.64
C PRO B 197 15.47 6.38 18.77
N GLN B 198 15.42 5.80 19.96
CA GLN B 198 15.78 6.52 21.18
C GLN B 198 17.23 7.00 21.18
N ASN B 199 18.19 6.12 20.88
CA ASN B 199 19.60 6.49 20.98
C ASN B 199 20.23 6.90 19.66
N THR B 200 19.46 7.55 18.81
CA THR B 200 19.99 8.10 17.57
C THR B 200 20.80 9.36 17.85
N ASP B 201 21.93 9.50 17.16
CA ASP B 201 22.74 10.70 17.21
C ASP B 201 22.10 11.77 16.32
N ILE B 202 21.71 12.90 16.92
CA ILE B 202 20.93 13.93 16.24
C ILE B 202 21.85 15.05 15.79
N ILE B 203 21.74 15.42 14.52
CA ILE B 203 22.36 16.63 13.97
C ILE B 203 21.21 17.48 13.44
N ASP B 204 20.68 18.37 14.29
CA ASP B 204 19.53 19.18 13.94
C ASP B 204 20.01 20.50 13.35
N GLU B 205 19.83 20.68 12.05
CA GLU B 205 20.26 21.86 11.33
C GLU B 205 19.11 22.85 11.12
N THR B 206 17.98 22.62 11.78
CA THR B 206 16.87 23.57 11.74
C THR B 206 16.85 24.54 12.90
N LYS B 207 17.65 24.31 13.94
CA LYS B 207 17.62 25.17 15.11
C LYS B 207 18.19 26.56 14.81
N PHE B 208 17.55 27.57 15.38
CA PHE B 208 18.06 28.94 15.33
C PHE B 208 18.47 29.35 16.74
#